data_4QAG
#
_entry.id   4QAG
#
_cell.length_a   51.164
_cell.length_b   51.164
_cell.length_c   112.100
_cell.angle_alpha   90.000
_cell.angle_beta   90.000
_cell.angle_gamma   120.000
#
_symmetry.space_group_name_H-M   'P 31'
#
loop_
_entity.id
_entity.type
_entity.pdbx_description
1 polymer 'Reverse transcriptase/ribonuclease H'
2 non-polymer 'MANGANESE (II) ION'
3 non-polymer '(7,8-dihydroxy-2-oxo-2H-chromen-4-yl)acetic acid'
4 water water
#
_entity_poly.entity_id   1
_entity_poly.type   'polypeptide(L)'
_entity_poly.pdbx_seq_one_letter_code
;LWYQLEKEPIVGAETFYVDGAANRETKLGKAGYVTNKGRQKVVPLTNTTNQKTELQAIYLALQDSGLEVNIVTDSQYALG
IIQAQPDKSESELVNQIIEQLIKKEKVYLAWVPAHKGIGGNEQVDKLVSAGIR
;
_entity_poly.pdbx_strand_id   A,B
#
# COMPACT_ATOMS: atom_id res chain seq x y z
N LEU A 1 5.96 17.84 7.88
CA LEU A 1 5.16 18.63 6.96
C LEU A 1 3.68 18.45 7.22
N TRP A 2 2.85 18.74 6.20
CA TRP A 2 1.48 19.21 6.38
C TRP A 2 0.48 18.32 5.64
N TYR A 3 0.27 17.12 6.15
CA TYR A 3 -0.95 16.80 6.89
C TYR A 3 -0.70 15.74 7.96
N GLN A 4 -1.59 15.53 8.92
CA GLN A 4 -1.26 14.59 10.00
C GLN A 4 -2.44 13.71 10.04
N LEU A 5 -2.20 12.43 10.30
CA LEU A 5 -3.28 11.49 10.50
C LEU A 5 -3.47 11.29 11.99
N GLU A 6 -4.73 11.21 12.42
CA GLU A 6 -5.04 10.92 13.82
C GLU A 6 -4.48 9.55 14.19
N LYS A 7 -4.16 9.37 15.47
CA LYS A 7 -3.65 8.10 15.97
C LYS A 7 -4.79 7.19 16.40
N GLU A 8 -5.91 7.79 16.80
CA GLU A 8 -7.08 7.03 17.20
C GLU A 8 -8.33 7.65 16.58
N PRO A 9 -9.42 6.88 16.52
CA PRO A 9 -10.65 7.39 15.90
C PRO A 9 -11.13 8.69 16.52
N ILE A 10 -11.81 9.49 15.72
CA ILE A 10 -12.46 10.71 16.18
C ILE A 10 -13.88 10.36 16.59
N VAL A 11 -14.13 10.32 17.90
CA VAL A 11 -15.42 9.91 18.42
C VAL A 11 -16.47 10.94 18.07
N GLY A 12 -17.56 10.48 17.47
CA GLY A 12 -18.64 11.37 17.08
C GLY A 12 -18.55 11.85 15.65
N ALA A 13 -17.39 11.70 15.01
CA ALA A 13 -17.22 12.12 13.62
C ALA A 13 -17.81 11.09 12.67
N GLU A 14 -18.31 11.54 11.52
CA GLU A 14 -18.87 10.63 10.53
C GLU A 14 -17.79 9.66 10.09
N THR A 15 -18.15 8.39 9.98
CA THR A 15 -17.22 7.34 9.58
C THR A 15 -17.64 6.81 8.23
N PHE A 16 -16.71 6.89 7.28
CA PHE A 16 -16.93 6.50 5.90
C PHE A 16 -16.26 5.16 5.64
N TYR A 17 -17.05 4.13 5.33
CA TYR A 17 -16.49 2.84 4.93
C TYR A 17 -16.40 2.84 3.40
N VAL A 18 -15.18 2.77 2.87
CA VAL A 18 -14.92 2.91 1.45
C VAL A 18 -14.55 1.57 0.81
N ASP A 19 -14.87 1.40 -0.47
CA ASP A 19 -14.40 0.21 -1.20
C ASP A 19 -14.48 0.49 -2.67
N GLY A 20 -13.81 -0.34 -3.44
CA GLY A 20 -13.86 -0.26 -4.88
C GLY A 20 -13.85 -1.67 -5.42
N ALA A 21 -14.32 -1.82 -6.65
CA ALA A 21 -14.25 -3.12 -7.33
C ALA A 21 -14.01 -2.87 -8.79
N ALA A 22 -13.18 -3.69 -9.41
CA ALA A 22 -12.94 -3.59 -10.84
C ALA A 22 -12.88 -4.96 -11.49
N ASN A 23 -13.31 -5.02 -12.74
CA ASN A 23 -13.25 -6.25 -13.51
C ASN A 23 -12.00 -6.29 -14.38
N ARG A 24 -11.27 -7.39 -14.30
CA ARG A 24 -9.93 -7.51 -14.90
C ARG A 24 -9.97 -7.37 -16.41
N GLU A 25 -10.82 -8.16 -17.06
CA GLU A 25 -10.91 -8.17 -18.51
C GLU A 25 -11.51 -6.86 -19.02
N THR A 26 -12.56 -6.39 -18.35
CA THR A 26 -13.46 -5.41 -18.94
C THR A 26 -13.05 -3.99 -18.56
N LYS A 27 -12.24 -3.88 -17.51
CA LYS A 27 -11.71 -2.61 -17.01
C LYS A 27 -12.78 -1.65 -16.50
N LEU A 28 -14.01 -2.16 -16.34
CA LEU A 28 -15.05 -1.39 -15.68
C LEU A 28 -14.99 -1.57 -14.16
N GLY A 29 -15.38 -0.53 -13.43
CA GLY A 29 -15.22 -0.51 -11.99
C GLY A 29 -16.28 0.33 -11.31
N LYS A 30 -16.34 0.23 -9.97
CA LYS A 30 -17.18 1.11 -9.18
C LYS A 30 -16.38 1.54 -7.96
N ALA A 31 -16.63 2.74 -7.46
CA ALA A 31 -16.03 3.20 -6.21
C ALA A 31 -17.13 3.76 -5.35
N GLY A 32 -17.01 3.65 -4.04
CA GLY A 32 -18.07 4.15 -3.22
C GLY A 32 -17.81 4.12 -1.74
N TYR A 33 -18.83 4.53 -0.98
CA TYR A 33 -18.77 4.49 0.45
C TYR A 33 -20.16 4.38 1.06
N VAL A 34 -20.18 3.93 2.31
CA VAL A 34 -21.38 4.01 3.14
C VAL A 34 -20.92 4.61 4.45
N THR A 35 -21.75 5.40 5.11
CA THR A 35 -21.34 5.98 6.38
C THR A 35 -22.26 5.58 7.52
N ASN A 36 -21.77 5.81 8.73
CA ASN A 36 -22.58 5.52 9.90
C ASN A 36 -23.72 6.48 10.11
N LYS A 37 -23.86 7.47 9.23
CA LYS A 37 -24.97 8.41 9.31
C LYS A 37 -26.02 8.18 8.23
N GLY A 38 -25.84 7.13 7.44
CA GLY A 38 -26.81 6.75 6.42
C GLY A 38 -26.48 7.31 5.04
N ARG A 39 -25.31 7.94 4.93
CA ARG A 39 -24.91 8.51 3.65
C ARG A 39 -24.27 7.44 2.81
N GLN A 40 -24.56 7.43 1.52
CA GLN A 40 -24.01 6.44 0.61
C GLN A 40 -23.70 7.06 -0.74
N LYS A 41 -22.74 6.48 -1.45
CA LYS A 41 -22.41 6.94 -2.79
C LYS A 41 -21.74 5.84 -3.56
N VAL A 42 -22.13 5.68 -4.82
CA VAL A 42 -21.47 4.75 -5.72
C VAL A 42 -21.27 5.44 -7.05
N VAL A 43 -20.05 5.43 -7.57
CA VAL A 43 -19.79 6.00 -8.89
C VAL A 43 -19.20 4.96 -9.82
N PRO A 44 -19.65 4.95 -11.07
CA PRO A 44 -19.13 4.02 -12.07
C PRO A 44 -17.84 4.56 -12.67
N LEU A 45 -16.88 3.68 -12.95
CA LEU A 45 -15.59 4.07 -13.50
C LEU A 45 -15.21 3.23 -14.71
N THR A 46 -14.49 3.84 -15.64
CA THR A 46 -14.01 3.12 -16.82
C THR A 46 -12.49 3.19 -16.92
N ASN A 47 -11.91 2.25 -17.65
CA ASN A 47 -10.47 2.17 -17.81
C ASN A 47 -9.78 2.32 -16.48
N THR A 48 -10.20 1.48 -15.53
CA THR A 48 -9.66 1.55 -14.17
C THR A 48 -9.12 0.20 -13.72
N THR A 49 -8.53 0.20 -12.52
CA THR A 49 -7.95 -0.98 -11.90
C THR A 49 -8.48 -1.08 -10.48
N ASN A 50 -8.31 -2.22 -9.82
CA ASN A 50 -8.72 -2.33 -8.43
C ASN A 50 -8.15 -1.21 -7.56
N GLN A 51 -6.84 -1.00 -7.63
CA GLN A 51 -6.21 -0.01 -6.76
C GLN A 51 -6.68 1.40 -7.04
N LYS A 52 -6.93 1.71 -8.31
CA LYS A 52 -7.45 3.01 -8.67
C LYS A 52 -8.85 3.22 -8.09
N THR A 53 -9.68 2.17 -8.09
CA THR A 53 -11.02 2.30 -7.54
C THR A 53 -10.95 2.50 -6.03
N GLU A 54 -9.98 1.88 -5.37
CA GLU A 54 -9.90 2.01 -3.93
C GLU A 54 -9.48 3.44 -3.57
N LEU A 55 -8.61 4.03 -4.39
CA LEU A 55 -8.16 5.40 -4.16
C LEU A 55 -9.25 6.38 -4.49
N GLN A 56 -9.98 6.08 -5.56
CA GLN A 56 -11.14 6.88 -5.94
C GLN A 56 -12.15 6.94 -4.79
N ALA A 57 -12.37 5.81 -4.12
CA ALA A 57 -13.34 5.76 -3.03
C ALA A 57 -12.95 6.67 -1.88
N ILE A 58 -11.65 6.68 -1.55
CA ILE A 58 -11.16 7.53 -0.48
C ILE A 58 -11.28 8.99 -0.86
N TYR A 59 -11.04 9.29 -2.13
CA TYR A 59 -11.16 10.66 -2.59
C TYR A 59 -12.60 11.15 -2.41
N LEU A 60 -13.56 10.29 -2.75
CA LEU A 60 -14.97 10.63 -2.61
C LEU A 60 -15.33 10.91 -1.16
N ALA A 61 -14.88 10.04 -0.28
CA ALA A 61 -15.17 10.17 1.14
C ALA A 61 -14.63 11.49 1.65
N LEU A 62 -13.45 11.86 1.15
CA LEU A 62 -12.81 13.10 1.55
C LEU A 62 -13.60 14.31 1.03
N GLN A 63 -14.04 14.24 -0.22
CA GLN A 63 -14.83 15.31 -0.82
C GLN A 63 -16.15 15.50 -0.10
N ASP A 64 -16.74 14.42 0.38
CA ASP A 64 -18.12 14.46 0.85
C ASP A 64 -18.24 14.56 2.37
N SER A 65 -17.11 14.64 3.05
CA SER A 65 -17.09 14.71 4.51
C SER A 65 -16.78 16.12 5.01
N GLY A 66 -17.02 16.33 6.30
CA GLY A 66 -16.71 17.58 6.97
C GLY A 66 -15.25 17.64 7.36
N LEU A 67 -14.90 18.59 8.22
CA LEU A 67 -13.51 18.87 8.54
C LEU A 67 -12.88 17.79 9.40
N GLU A 68 -13.70 17.01 10.09
CA GLU A 68 -13.21 15.87 10.85
C GLU A 68 -13.87 14.61 10.31
N VAL A 69 -13.09 13.57 10.02
CA VAL A 69 -13.64 12.40 9.37
C VAL A 69 -12.83 11.14 9.72
N ASN A 70 -13.54 10.03 9.94
CA ASN A 70 -12.93 8.70 10.02
C ASN A 70 -13.16 7.98 8.70
N ILE A 71 -12.13 7.33 8.18
CA ILE A 71 -12.25 6.58 6.93
C ILE A 71 -11.72 5.18 7.19
N VAL A 72 -12.50 4.19 6.78
CA VAL A 72 -12.17 2.79 7.01
C VAL A 72 -12.01 2.13 5.65
N THR A 73 -10.81 1.68 5.33
CA THR A 73 -10.53 1.04 4.04
C THR A 73 -10.06 -0.39 4.25
N ASP A 74 -10.20 -1.23 3.22
CA ASP A 74 -9.65 -2.58 3.28
C ASP A 74 -8.41 -2.69 2.38
N SER A 75 -7.97 -1.55 1.83
CA SER A 75 -6.86 -1.50 0.89
C SER A 75 -5.53 -1.10 1.56
N GLN A 76 -4.64 -2.07 1.72
CA GLN A 76 -3.28 -1.77 2.19
C GLN A 76 -2.49 -0.85 1.25
N TYR A 77 -2.76 -0.96 -0.04
CA TYR A 77 -2.14 -0.13 -1.07
C TYR A 77 -2.40 1.35 -0.79
N ALA A 78 -3.67 1.72 -0.64
CA ALA A 78 -4.02 3.09 -0.33
C ALA A 78 -3.47 3.52 1.03
N LEU A 79 -3.60 2.65 2.03
CA LEU A 79 -3.09 2.92 3.37
C LEU A 79 -1.63 3.33 3.31
N GLY A 80 -0.84 2.56 2.56
CA GLY A 80 0.58 2.83 2.44
C GLY A 80 0.86 4.23 1.94
N ILE A 81 0.19 4.59 0.85
CA ILE A 81 0.42 5.86 0.21
C ILE A 81 0.07 7.00 1.16
N ILE A 82 -1.07 6.87 1.83
CA ILE A 82 -1.54 7.97 2.66
C ILE A 82 -0.71 8.08 3.95
N GLN A 83 -0.36 6.95 4.55
CA GLN A 83 0.45 6.97 5.77
C GLN A 83 1.87 7.47 5.51
N ALA A 84 2.33 7.35 4.26
CA ALA A 84 3.67 7.81 3.91
C ALA A 84 3.75 9.34 3.89
N GLN A 85 2.60 10.00 3.86
CA GLN A 85 2.55 11.46 3.90
C GLN A 85 3.46 12.09 2.84
N PRO A 86 3.19 11.81 1.57
CA PRO A 86 4.02 12.42 0.51
C PRO A 86 3.64 13.87 0.26
N ASP A 87 4.57 14.64 -0.26
CA ASP A 87 4.28 16.01 -0.66
C ASP A 87 3.60 16.00 -2.02
N LYS A 88 4.16 15.21 -2.93
CA LYS A 88 3.70 15.21 -4.31
C LYS A 88 3.82 13.81 -4.89
N SER A 89 2.90 13.45 -5.78
CA SER A 89 2.91 12.15 -6.42
C SER A 89 2.94 12.33 -7.93
N GLU A 90 3.29 11.27 -8.66
CA GLU A 90 3.21 11.29 -10.11
C GLU A 90 1.76 11.06 -10.55
N SER A 91 0.94 10.60 -9.63
CA SER A 91 -0.48 10.33 -9.93
C SER A 91 -1.35 11.52 -9.60
N GLU A 92 -2.16 11.97 -10.57
CA GLU A 92 -3.01 13.13 -10.33
C GLU A 92 -3.99 12.83 -9.20
N LEU A 93 -4.54 11.62 -9.18
CA LEU A 93 -5.51 11.23 -8.18
C LEU A 93 -4.93 11.30 -6.77
N VAL A 94 -3.70 10.85 -6.62
CA VAL A 94 -3.05 10.89 -5.31
C VAL A 94 -2.86 12.35 -4.90
N ASN A 95 -2.50 13.19 -5.85
CA ASN A 95 -2.28 14.60 -5.54
C ASN A 95 -3.58 15.26 -5.11
N GLN A 96 -4.68 14.84 -5.73
CA GLN A 96 -5.99 15.36 -5.38
C GLN A 96 -6.38 14.92 -3.96
N ILE A 97 -6.09 13.67 -3.64
CA ILE A 97 -6.34 13.15 -2.30
C ILE A 97 -5.49 13.92 -1.28
N ILE A 98 -4.23 14.16 -1.62
CA ILE A 98 -3.37 14.94 -0.76
C ILE A 98 -3.99 16.32 -0.55
N GLU A 99 -4.32 17.00 -1.63
CA GLU A 99 -4.90 18.33 -1.53
C GLU A 99 -6.06 18.35 -0.54
N GLN A 100 -6.92 17.33 -0.63
CA GLN A 100 -8.08 17.26 0.24
C GLN A 100 -7.67 16.98 1.69
N LEU A 101 -6.67 16.13 1.89
CA LEU A 101 -6.19 15.81 3.22
C LEU A 101 -5.70 17.07 3.97
N ILE A 102 -5.06 17.97 3.25
CA ILE A 102 -4.53 19.18 3.87
C ILE A 102 -5.65 20.09 4.35
N LYS A 103 -6.77 20.03 3.63
CA LYS A 103 -7.91 20.89 3.93
C LYS A 103 -8.75 20.38 5.11
N LYS A 104 -8.44 19.17 5.58
CA LYS A 104 -9.14 18.62 6.73
C LYS A 104 -8.51 19.12 8.03
N GLU A 105 -9.31 19.16 9.08
CA GLU A 105 -8.79 19.47 10.41
C GLU A 105 -8.35 18.20 11.13
N LYS A 106 -9.12 17.13 11.01
CA LYS A 106 -8.75 15.85 11.60
C LYS A 106 -9.17 14.69 10.72
N VAL A 107 -8.23 13.79 10.44
CA VAL A 107 -8.51 12.61 9.63
C VAL A 107 -7.95 11.36 10.28
N TYR A 108 -8.80 10.37 10.51
CA TYR A 108 -8.36 9.06 10.98
C TYR A 108 -8.61 8.04 9.88
N LEU A 109 -7.56 7.32 9.49
CA LEU A 109 -7.66 6.33 8.43
C LEU A 109 -7.37 4.98 9.03
N ALA A 110 -8.37 4.10 9.00
CA ALA A 110 -8.21 2.77 9.56
C ALA A 110 -8.26 1.73 8.47
N TRP A 111 -7.54 0.63 8.68
CA TRP A 111 -7.60 -0.53 7.80
C TRP A 111 -8.29 -1.70 8.48
N VAL A 112 -9.12 -2.41 7.71
CA VAL A 112 -9.72 -3.67 8.14
C VAL A 112 -9.57 -4.68 7.02
N PRO A 113 -9.47 -5.98 7.37
CA PRO A 113 -9.32 -6.99 6.34
C PRO A 113 -10.62 -7.18 5.59
N ALA A 114 -10.53 -7.34 4.27
CA ALA A 114 -11.72 -7.52 3.45
C ALA A 114 -12.39 -8.86 3.74
N HIS A 115 -13.71 -8.86 3.69
CA HIS A 115 -14.52 -10.07 3.82
C HIS A 115 -14.25 -10.79 5.13
N LYS A 116 -14.23 -10.04 6.23
CA LYS A 116 -14.05 -10.63 7.54
C LYS A 116 -15.13 -10.16 8.51
N GLY A 117 -16.29 -9.80 7.96
CA GLY A 117 -17.47 -9.55 8.75
C GLY A 117 -17.49 -8.20 9.45
N ILE A 118 -16.68 -7.25 8.99
CA ILE A 118 -16.76 -5.89 9.55
C ILE A 118 -17.95 -5.18 8.91
N GLY A 119 -18.92 -4.84 9.75
CA GLY A 119 -20.22 -4.35 9.29
C GLY A 119 -20.19 -3.42 8.10
N GLY A 120 -19.64 -2.22 8.30
CA GLY A 120 -19.68 -1.19 7.27
C GLY A 120 -18.93 -1.61 6.03
N ASN A 121 -17.79 -2.25 6.23
CA ASN A 121 -16.97 -2.73 5.13
C ASN A 121 -17.72 -3.71 4.23
N GLU A 122 -18.44 -4.65 4.83
CA GLU A 122 -19.18 -5.63 4.03
C GLU A 122 -20.28 -4.92 3.24
N GLN A 123 -20.88 -3.90 3.87
CA GLN A 123 -21.98 -3.15 3.23
C GLN A 123 -21.53 -2.50 1.94
N VAL A 124 -20.42 -1.78 1.99
CA VAL A 124 -19.93 -1.06 0.83
C VAL A 124 -19.36 -2.02 -0.21
N ASP A 125 -18.72 -3.09 0.24
CA ASP A 125 -18.25 -4.12 -0.68
C ASP A 125 -19.39 -4.59 -1.59
N LYS A 126 -20.51 -4.94 -0.99
CA LYS A 126 -21.66 -5.42 -1.76
C LYS A 126 -22.14 -4.38 -2.75
N LEU A 127 -22.09 -3.11 -2.36
CA LEU A 127 -22.49 -2.01 -3.23
C LEU A 127 -21.63 -1.93 -4.48
N VAL A 128 -20.32 -1.78 -4.29
CA VAL A 128 -19.42 -1.55 -5.41
C VAL A 128 -19.17 -2.82 -6.23
N SER A 129 -19.44 -3.98 -5.64
CA SER A 129 -19.12 -5.23 -6.32
C SER A 129 -20.25 -5.69 -7.24
N ALA A 130 -21.49 -5.30 -6.93
CA ALA A 130 -22.64 -5.69 -7.73
C ALA A 130 -22.46 -5.23 -9.18
N GLY A 131 -22.69 -6.15 -10.12
CA GLY A 131 -22.58 -5.84 -11.54
C GLY A 131 -21.15 -5.80 -12.04
N ILE A 132 -20.20 -5.88 -11.12
CA ILE A 132 -18.79 -5.88 -11.48
C ILE A 132 -18.22 -7.26 -11.17
N ARG A 133 -18.17 -7.59 -9.89
CA ARG A 133 -17.87 -8.93 -9.36
C ARG A 133 -16.94 -9.82 -10.21
N LEU B 1 8.99 12.77 -9.05
CA LEU B 1 9.53 11.75 -9.93
C LEU B 1 10.95 12.06 -10.38
N TRP B 2 11.91 11.37 -9.79
CA TRP B 2 13.16 11.13 -10.47
C TRP B 2 13.44 9.65 -10.64
N TYR B 3 12.38 8.86 -10.65
CA TYR B 3 12.48 7.44 -10.97
C TYR B 3 11.21 6.94 -11.64
N GLN B 4 11.34 5.86 -12.42
CA GLN B 4 10.19 5.22 -13.03
C GLN B 4 10.31 3.73 -12.80
N LEU B 5 9.21 3.01 -12.96
CA LEU B 5 9.20 1.57 -12.81
C LEU B 5 8.98 0.89 -14.16
N GLU B 6 9.69 -0.19 -14.40
CA GLU B 6 9.55 -0.94 -15.65
C GLU B 6 8.27 -1.75 -15.62
N LYS B 7 7.70 -2.01 -16.79
CA LYS B 7 6.42 -2.71 -16.88
C LYS B 7 6.60 -4.22 -16.84
N GLU B 8 7.77 -4.68 -17.27
CA GLU B 8 8.07 -6.10 -17.39
C GLU B 8 9.41 -6.39 -16.73
N PRO B 9 9.61 -7.64 -16.30
CA PRO B 9 10.92 -8.05 -15.76
C PRO B 9 12.07 -7.62 -16.66
N ILE B 10 13.15 -7.19 -16.05
CA ILE B 10 14.31 -6.73 -16.78
C ILE B 10 15.21 -7.90 -17.16
N VAL B 11 15.42 -8.10 -18.45
CA VAL B 11 16.27 -9.18 -18.93
C VAL B 11 17.71 -8.99 -18.52
N GLY B 12 18.22 -9.95 -17.78
CA GLY B 12 19.60 -9.94 -17.34
C GLY B 12 19.75 -9.54 -15.89
N ALA B 13 18.73 -8.89 -15.36
CA ALA B 13 18.74 -8.43 -13.98
C ALA B 13 18.42 -9.57 -13.03
N GLU B 14 19.07 -9.59 -11.87
CA GLU B 14 18.77 -10.53 -10.79
C GLU B 14 17.40 -10.25 -10.17
N THR B 15 16.72 -11.31 -9.74
CA THR B 15 15.42 -11.17 -9.12
C THR B 15 15.53 -11.39 -7.62
N PHE B 16 15.10 -10.38 -6.87
CA PHE B 16 15.12 -10.38 -5.41
C PHE B 16 13.71 -10.58 -4.88
N TYR B 17 13.50 -11.68 -4.17
CA TYR B 17 12.24 -11.93 -3.49
C TYR B 17 12.37 -11.43 -2.07
N VAL B 18 11.56 -10.44 -1.69
CA VAL B 18 11.71 -9.80 -0.40
C VAL B 18 10.54 -10.13 0.53
N ASP B 19 10.81 -10.11 1.83
CA ASP B 19 9.71 -10.24 2.79
C ASP B 19 10.16 -9.74 4.15
N GLY B 20 9.19 -9.47 5.03
CA GLY B 20 9.48 -9.13 6.39
C GLY B 20 8.48 -9.79 7.31
N ALA B 21 8.84 -9.91 8.57
CA ALA B 21 7.92 -10.37 9.59
C ALA B 21 8.16 -9.62 10.88
N ALA B 22 7.10 -9.34 11.63
CA ALA B 22 7.25 -8.71 12.93
C ALA B 22 6.33 -9.39 13.93
N ASN B 23 6.79 -9.44 15.17
CA ASN B 23 6.00 -9.99 16.27
C ASN B 23 5.14 -8.90 16.91
N ARG B 24 3.83 -9.13 16.95
CA ARG B 24 2.87 -8.16 17.48
C ARG B 24 3.20 -7.72 18.91
N GLU B 25 3.56 -8.67 19.77
CA GLU B 25 3.81 -8.38 21.18
C GLU B 25 5.19 -7.78 21.43
N THR B 26 6.23 -8.47 20.97
CA THR B 26 7.60 -8.08 21.24
C THR B 26 8.03 -6.95 20.32
N LYS B 27 7.34 -6.81 19.19
CA LYS B 27 7.69 -5.82 18.17
C LYS B 27 9.08 -6.06 17.60
N LEU B 28 9.58 -7.28 17.78
CA LEU B 28 10.82 -7.68 17.13
C LEU B 28 10.46 -8.14 15.74
N GLY B 29 11.40 -7.98 14.81
CA GLY B 29 11.14 -8.36 13.43
C GLY B 29 12.40 -8.73 12.67
N LYS B 30 12.20 -9.15 11.43
CA LYS B 30 13.29 -9.46 10.51
C LYS B 30 12.87 -9.01 9.13
N ALA B 31 13.84 -8.63 8.32
CA ALA B 31 13.57 -8.28 6.93
C ALA B 31 14.62 -8.97 6.09
N GLY B 32 14.28 -9.34 4.87
CA GLY B 32 15.29 -10.04 4.08
C GLY B 32 14.90 -10.28 2.65
N TYR B 33 15.79 -10.94 1.93
CA TYR B 33 15.52 -11.35 0.57
C TYR B 33 16.25 -12.65 0.26
N VAL B 34 15.75 -13.35 -0.76
CA VAL B 34 16.52 -14.40 -1.42
C VAL B 34 16.44 -14.13 -2.91
N THR B 35 17.47 -14.47 -3.65
CA THR B 35 17.44 -14.23 -5.10
C THR B 35 17.55 -15.52 -5.88
N ASN B 36 17.29 -15.44 -7.19
CA ASN B 36 17.38 -16.62 -8.05
C ASN B 36 18.81 -17.04 -8.39
N LYS B 37 19.80 -16.33 -7.85
CA LYS B 37 21.19 -16.76 -7.96
C LYS B 37 21.77 -17.29 -6.63
N GLY B 38 20.93 -17.40 -5.62
CA GLY B 38 21.38 -17.95 -4.34
C GLY B 38 21.87 -16.89 -3.36
N ARG B 39 21.72 -15.62 -3.71
CA ARG B 39 22.08 -14.53 -2.82
C ARG B 39 21.01 -14.38 -1.75
N GLN B 40 21.43 -14.14 -0.50
CA GLN B 40 20.50 -14.09 0.62
C GLN B 40 20.89 -13.01 1.61
N LYS B 41 19.89 -12.43 2.28
CA LYS B 41 20.15 -11.55 3.41
C LYS B 41 18.98 -11.51 4.37
N VAL B 42 19.29 -11.57 5.66
CA VAL B 42 18.31 -11.35 6.72
C VAL B 42 18.89 -10.42 7.75
N VAL B 43 18.10 -9.43 8.18
CA VAL B 43 18.52 -8.49 9.21
C VAL B 43 17.49 -8.40 10.32
N PRO B 44 17.96 -8.36 11.57
CA PRO B 44 17.05 -8.24 12.71
C PRO B 44 16.62 -6.80 12.92
N LEU B 45 15.39 -6.61 13.38
CA LEU B 45 14.85 -5.27 13.62
C LEU B 45 14.16 -5.24 14.96
N THR B 46 14.21 -4.08 15.62
CA THR B 46 13.57 -3.92 16.92
C THR B 46 12.50 -2.83 16.85
N ASN B 47 11.52 -2.93 17.75
CA ASN B 47 10.39 -1.99 17.81
C ASN B 47 9.85 -1.62 16.43
N THR B 48 9.40 -2.63 15.69
CA THR B 48 8.99 -2.44 14.31
C THR B 48 7.58 -3.00 14.11
N THR B 49 7.06 -2.84 12.90
CA THR B 49 5.75 -3.38 12.54
C THR B 49 5.87 -4.18 11.26
N ASN B 50 4.84 -4.95 10.91
CA ASN B 50 4.88 -5.73 9.69
C ASN B 50 5.24 -4.87 8.47
N GLN B 51 4.51 -3.78 8.27
CA GLN B 51 4.73 -2.94 7.10
C GLN B 51 6.13 -2.32 7.07
N LYS B 52 6.67 -1.97 8.23
CA LYS B 52 8.04 -1.45 8.28
C LYS B 52 9.04 -2.51 7.88
N THR B 53 8.80 -3.75 8.27
CA THR B 53 9.74 -4.81 7.88
C THR B 53 9.65 -5.03 6.37
N GLU B 54 8.50 -4.79 5.76
CA GLU B 54 8.37 -5.03 4.33
C GLU B 54 9.14 -3.97 3.55
N LEU B 55 9.07 -2.73 4.02
CA LEU B 55 9.80 -1.64 3.41
C LEU B 55 11.29 -1.82 3.63
N GLN B 56 11.65 -2.30 4.82
CA GLN B 56 13.06 -2.54 5.14
C GLN B 56 13.64 -3.57 4.16
N ALA B 57 12.85 -4.59 3.85
CA ALA B 57 13.30 -5.66 2.95
C ALA B 57 13.57 -5.10 1.55
N ILE B 58 12.71 -4.22 1.09
CA ILE B 58 12.89 -3.63 -0.23
C ILE B 58 14.13 -2.74 -0.24
N TYR B 59 14.35 -2.01 0.84
CA TYR B 59 15.55 -1.19 0.96
C TYR B 59 16.80 -2.07 0.85
N LEU B 60 16.79 -3.22 1.53
CA LEU B 60 17.94 -4.12 1.49
C LEU B 60 18.21 -4.56 0.07
N ALA B 61 17.15 -4.92 -0.64
CA ALA B 61 17.28 -5.42 -2.01
C ALA B 61 17.86 -4.35 -2.90
N LEU B 62 17.43 -3.10 -2.70
CA LEU B 62 17.94 -2.01 -3.52
C LEU B 62 19.42 -1.77 -3.23
N GLN B 63 19.75 -1.81 -1.95
CA GLN B 63 21.12 -1.60 -1.52
C GLN B 63 22.07 -2.63 -2.09
N ASP B 64 21.59 -3.87 -2.20
CA ASP B 64 22.46 -4.99 -2.50
C ASP B 64 22.45 -5.39 -3.97
N SER B 65 21.67 -4.69 -4.78
CA SER B 65 21.54 -5.05 -6.18
C SER B 65 22.33 -4.10 -7.05
N GLY B 66 22.52 -4.48 -8.32
CA GLY B 66 23.19 -3.62 -9.26
C GLY B 66 22.28 -2.54 -9.81
N LEU B 67 22.68 -1.96 -10.95
CA LEU B 67 21.96 -0.82 -11.50
C LEU B 67 20.61 -1.22 -12.11
N GLU B 68 20.42 -2.50 -12.40
CA GLU B 68 19.11 -3.00 -12.80
C GLU B 68 18.69 -4.09 -11.83
N VAL B 69 17.42 -4.10 -11.45
CA VAL B 69 16.94 -5.07 -10.46
C VAL B 69 15.45 -5.38 -10.62
N ASN B 70 15.12 -6.66 -10.46
CA ASN B 70 13.74 -7.11 -10.38
C ASN B 70 13.48 -7.42 -8.91
N ILE B 71 12.40 -6.88 -8.36
CA ILE B 71 12.03 -7.12 -6.98
C ILE B 71 10.61 -7.66 -6.93
N VAL B 72 10.41 -8.72 -6.16
CA VAL B 72 9.08 -9.32 -6.02
C VAL B 72 8.67 -9.27 -4.56
N THR B 73 7.58 -8.57 -4.28
CA THR B 73 7.11 -8.38 -2.91
C THR B 73 5.70 -8.95 -2.77
N ASP B 74 5.30 -9.27 -1.53
CA ASP B 74 3.93 -9.67 -1.28
C ASP B 74 3.17 -8.54 -0.58
N SER B 75 3.80 -7.37 -0.50
CA SER B 75 3.23 -6.26 0.25
C SER B 75 2.54 -5.22 -0.63
N GLN B 76 1.21 -5.18 -0.60
CA GLN B 76 0.46 -4.14 -1.28
C GLN B 76 0.82 -2.76 -0.72
N TYR B 77 1.07 -2.71 0.58
CA TYR B 77 1.38 -1.46 1.28
C TYR B 77 2.63 -0.80 0.68
N ALA B 78 3.70 -1.58 0.53
CA ALA B 78 4.92 -1.06 -0.05
C ALA B 78 4.75 -0.75 -1.54
N LEU B 79 4.02 -1.60 -2.26
CA LEU B 79 3.78 -1.43 -3.68
C LEU B 79 3.08 -0.10 -3.94
N GLY B 80 2.11 0.20 -3.07
CA GLY B 80 1.35 1.44 -3.18
C GLY B 80 2.25 2.65 -3.09
N ILE B 81 3.13 2.66 -2.09
CA ILE B 81 4.02 3.79 -1.86
C ILE B 81 4.97 3.99 -3.03
N ILE B 82 5.55 2.90 -3.51
CA ILE B 82 6.56 2.99 -4.56
C ILE B 82 5.95 3.33 -5.93
N GLN B 83 4.81 2.74 -6.25
CA GLN B 83 4.14 3.03 -7.51
C GLN B 83 3.61 4.46 -7.59
N ALA B 84 3.39 5.07 -6.43
CA ALA B 84 2.87 6.43 -6.37
C ALA B 84 3.98 7.44 -6.69
N GLN B 85 5.20 6.95 -6.82
CA GLN B 85 6.33 7.81 -7.20
C GLN B 85 6.30 9.14 -6.48
N PRO B 86 6.36 9.09 -5.13
CA PRO B 86 6.41 10.29 -4.30
C PRO B 86 7.73 11.03 -4.44
N ASP B 87 7.69 12.35 -4.24
CA ASP B 87 8.89 13.15 -4.25
C ASP B 87 9.62 13.01 -2.92
N LYS B 88 8.89 13.23 -1.83
CA LYS B 88 9.44 13.09 -0.49
C LYS B 88 8.39 12.46 0.41
N SER B 89 8.83 11.93 1.54
CA SER B 89 7.94 11.30 2.51
C SER B 89 8.27 11.84 3.89
N GLU B 90 7.33 11.73 4.82
CA GLU B 90 7.60 12.07 6.21
C GLU B 90 8.42 10.96 6.86
N SER B 91 8.51 9.81 6.21
CA SER B 91 9.24 8.66 6.74
C SER B 91 10.67 8.60 6.21
N GLU B 92 11.62 8.54 7.13
CA GLU B 92 13.02 8.46 6.75
C GLU B 92 13.30 7.23 5.89
N LEU B 93 12.74 6.09 6.28
CA LEU B 93 12.94 4.85 5.53
C LEU B 93 12.46 5.01 4.10
N VAL B 94 11.25 5.55 3.93
CA VAL B 94 10.72 5.77 2.59
C VAL B 94 11.65 6.65 1.77
N ASN B 95 12.14 7.72 2.39
CA ASN B 95 13.05 8.62 1.70
C ASN B 95 14.33 7.92 1.28
N GLN B 96 14.82 7.02 2.12
CA GLN B 96 16.02 6.25 1.79
C GLN B 96 15.75 5.36 0.58
N ILE B 97 14.57 4.76 0.55
CA ILE B 97 14.17 3.92 -0.57
C ILE B 97 14.08 4.73 -1.84
N ILE B 98 13.47 5.92 -1.75
CA ILE B 98 13.34 6.77 -2.92
C ILE B 98 14.72 7.12 -3.48
N GLU B 99 15.66 7.42 -2.58
CA GLU B 99 17.01 7.77 -2.99
C GLU B 99 17.64 6.62 -3.77
N GLN B 100 17.50 5.40 -3.24
CA GLN B 100 18.00 4.20 -3.91
C GLN B 100 17.39 4.04 -5.29
N LEU B 101 16.08 4.23 -5.38
CA LEU B 101 15.36 4.06 -6.65
C LEU B 101 15.88 5.03 -7.70
N ILE B 102 16.14 6.26 -7.29
CA ILE B 102 16.63 7.28 -8.22
C ILE B 102 18.02 6.94 -8.75
N LYS B 103 18.79 6.21 -7.96
CA LYS B 103 20.15 5.85 -8.33
C LYS B 103 20.20 4.69 -9.32
N LYS B 104 19.13 3.89 -9.35
CA LYS B 104 19.08 2.73 -10.23
C LYS B 104 18.89 3.15 -11.69
N GLU B 105 19.33 2.30 -12.61
CA GLU B 105 19.07 2.51 -14.03
C GLU B 105 17.68 2.03 -14.38
N LYS B 106 17.33 0.83 -13.91
CA LYS B 106 16.00 0.26 -14.14
C LYS B 106 15.55 -0.56 -12.94
N VAL B 107 14.29 -0.40 -12.56
CA VAL B 107 13.71 -1.17 -11.47
C VAL B 107 12.36 -1.70 -11.90
N TYR B 108 12.17 -3.00 -11.72
CA TYR B 108 10.87 -3.64 -11.90
C TYR B 108 10.42 -4.16 -10.54
N LEU B 109 9.21 -3.80 -10.14
CA LEU B 109 8.64 -4.24 -8.87
C LEU B 109 7.34 -4.97 -9.14
N ALA B 110 7.28 -6.24 -8.78
CA ALA B 110 6.08 -7.04 -8.97
C ALA B 110 5.48 -7.44 -7.63
N TRP B 111 4.17 -7.62 -7.60
CA TRP B 111 3.49 -8.12 -6.40
C TRP B 111 2.97 -9.54 -6.65
N VAL B 112 3.08 -10.38 -5.64
CA VAL B 112 2.51 -11.72 -5.65
C VAL B 112 1.80 -11.93 -4.32
N PRO B 113 0.76 -12.77 -4.31
CA PRO B 113 0.07 -12.96 -3.04
C PRO B 113 0.87 -13.87 -2.09
N ALA B 114 0.88 -13.53 -0.81
CA ALA B 114 1.62 -14.31 0.18
C ALA B 114 1.01 -15.70 0.39
N HIS B 115 1.88 -16.70 0.56
CA HIS B 115 1.47 -18.05 0.88
C HIS B 115 0.59 -18.69 -0.19
N LYS B 116 0.96 -18.48 -1.46
CA LYS B 116 0.23 -19.07 -2.58
C LYS B 116 1.16 -19.94 -3.41
N GLY B 117 2.31 -20.28 -2.83
CA GLY B 117 3.22 -21.22 -3.47
C GLY B 117 4.11 -20.61 -4.53
N ILE B 118 4.44 -19.33 -4.40
CA ILE B 118 5.45 -18.72 -5.25
C ILE B 118 6.82 -19.02 -4.63
N GLY B 119 7.59 -19.86 -5.31
CA GLY B 119 8.83 -20.39 -4.78
C GLY B 119 9.69 -19.42 -3.99
N GLY B 120 10.21 -18.41 -4.68
CA GLY B 120 11.10 -17.44 -4.05
C GLY B 120 10.44 -16.74 -2.88
N ASN B 121 9.14 -16.44 -3.02
CA ASN B 121 8.39 -15.78 -1.98
C ASN B 121 8.28 -16.64 -0.73
N GLU B 122 7.99 -17.92 -0.92
CA GLU B 122 7.85 -18.84 0.21
C GLU B 122 9.22 -19.06 0.87
N GLN B 123 10.26 -19.18 0.06
CA GLN B 123 11.61 -19.34 0.58
C GLN B 123 11.97 -18.20 1.52
N VAL B 124 11.74 -16.95 1.08
CA VAL B 124 12.10 -15.82 1.90
C VAL B 124 11.14 -15.64 3.11
N ASP B 125 9.86 -15.94 2.92
CA ASP B 125 8.94 -15.92 4.05
C ASP B 125 9.46 -16.79 5.19
N LYS B 126 9.97 -17.97 4.87
CA LYS B 126 10.54 -18.88 5.88
C LYS B 126 11.65 -18.23 6.67
N LEU B 127 12.59 -17.60 5.96
CA LEU B 127 13.77 -17.02 6.58
C LEU B 127 13.43 -15.93 7.58
N VAL B 128 12.58 -15.00 7.17
CA VAL B 128 12.33 -13.82 8.00
C VAL B 128 11.35 -14.15 9.12
N SER B 129 10.63 -15.26 8.99
CA SER B 129 9.61 -15.61 9.96
C SER B 129 10.18 -16.43 11.11
N ALA B 130 11.24 -17.18 10.84
CA ALA B 130 11.85 -18.02 11.86
C ALA B 130 12.27 -17.18 13.08
N GLY B 131 11.83 -17.58 14.26
CA GLY B 131 12.17 -16.86 15.49
C GLY B 131 11.29 -15.65 15.74
N ILE B 132 10.38 -15.39 14.80
CA ILE B 132 9.43 -14.29 14.91
C ILE B 132 8.02 -14.84 14.84
N ARG B 133 7.83 -15.87 14.01
CA ARG B 133 6.53 -16.49 13.74
C ARG B 133 5.60 -15.58 12.96
#